data_2IMZ
#
_entry.id   2IMZ
#
_cell.length_a   82.430
_cell.length_b   93.630
_cell.length_c   40.140
_cell.angle_alpha   90.00
_cell.angle_beta   90.00
_cell.angle_gamma   90.00
#
_symmetry.space_group_name_H-M   'P 21 21 2'
#
loop_
_entity.id
_entity.type
_entity.pdbx_description
1 polymer 'Endonuclease PI-MtuI'
2 non-polymer 'ZINC ION'
3 water water
#
_entity_poly.entity_id   1
_entity_poly.type   'polypeptide(L)'
_entity_poly.pdbx_seq_one_letter_code
;(CSD)LAEGTRIFDPVTGTTHRIEDVVDGRKPIHVVAAAKDGTLHARPVVSWFDQGTRDVIGLRIAGGAILWATPDHKVL
TEYGWRAAGELRKGDRVAQPRRFDGFGDSAPIPARVQALADALDDKFLHDMLAEELRYSVIREVLPTRRARTFDLEVEEL
HTLVAEGVVVH(SNN)
;
_entity_poly.pdbx_strand_id   A,B
#
# COMPACT_ATOMS: atom_id res chain seq x y z
N LEU A 2 -8.35 -6.26 -3.70
CA LEU A 2 -9.75 -6.43 -3.32
C LEU A 2 -10.55 -7.05 -4.45
N ALA A 3 -11.44 -7.97 -4.09
CA ALA A 3 -12.26 -8.66 -5.09
C ALA A 3 -13.34 -7.83 -5.76
N GLU A 4 -13.71 -8.24 -6.96
CA GLU A 4 -14.77 -7.59 -7.70
C GLU A 4 -15.98 -7.64 -6.76
N GLY A 5 -16.73 -6.55 -6.73
CA GLY A 5 -17.92 -6.51 -5.87
C GLY A 5 -17.69 -5.77 -4.57
N THR A 6 -16.43 -5.50 -4.24
CA THR A 6 -16.11 -4.78 -3.00
C THR A 6 -16.76 -3.41 -3.04
N ARG A 7 -17.55 -3.10 -2.00
CA ARG A 7 -18.24 -1.81 -1.94
C ARG A 7 -17.44 -0.74 -1.22
N ILE A 8 -17.21 0.36 -1.93
CA ILE A 8 -16.44 1.49 -1.41
C ILE A 8 -17.34 2.70 -1.20
N PHE A 9 -17.39 3.18 0.03
CA PHE A 9 -18.22 4.32 0.41
C PHE A 9 -17.53 5.67 0.15
N ASP A 10 -18.22 6.56 -0.57
CA ASP A 10 -17.70 7.90 -0.85
C ASP A 10 -18.44 8.79 0.16
N PRO A 11 -17.74 9.23 1.22
CA PRO A 11 -18.33 10.08 2.25
C PRO A 11 -18.79 11.46 1.82
N VAL A 12 -18.30 11.92 0.67
CA VAL A 12 -18.68 13.22 0.17
C VAL A 12 -20.06 13.21 -0.49
N THR A 13 -20.28 12.23 -1.37
CA THR A 13 -21.54 12.10 -2.09
C THR A 13 -22.52 11.20 -1.35
N GLY A 14 -21.99 10.30 -0.53
CA GLY A 14 -22.83 9.37 0.20
C GLY A 14 -23.10 8.12 -0.63
N THR A 15 -22.52 8.08 -1.83
CA THR A 15 -22.68 6.96 -2.76
C THR A 15 -21.73 5.80 -2.47
N THR A 16 -22.23 4.59 -2.70
CA THR A 16 -21.44 3.37 -2.50
C THR A 16 -21.12 2.82 -3.89
N HIS A 17 -19.85 2.57 -4.14
CA HIS A 17 -19.40 2.07 -5.44
C HIS A 17 -18.79 0.69 -5.41
N ARG A 18 -18.92 -0.03 -6.53
CA ARG A 18 -18.31 -1.35 -6.65
C ARG A 18 -16.91 -1.02 -7.18
N ILE A 19 -15.89 -1.57 -6.54
CA ILE A 19 -14.52 -1.26 -6.92
C ILE A 19 -14.20 -1.46 -8.41
N GLU A 20 -14.77 -2.48 -9.05
CA GLU A 20 -14.48 -2.69 -10.47
C GLU A 20 -14.99 -1.55 -11.33
N ASP A 21 -16.10 -0.93 -10.93
CA ASP A 21 -16.65 0.19 -11.69
C ASP A 21 -15.76 1.40 -11.51
N VAL A 22 -15.21 1.56 -10.31
CA VAL A 22 -14.33 2.68 -10.02
C VAL A 22 -13.07 2.56 -10.86
N VAL A 23 -12.52 1.34 -10.94
CA VAL A 23 -11.31 1.12 -11.72
C VAL A 23 -11.56 1.18 -13.24
N ASP A 24 -12.62 0.53 -13.71
CA ASP A 24 -12.93 0.53 -15.14
C ASP A 24 -13.18 1.93 -15.67
N GLY A 25 -13.75 2.80 -14.83
CA GLY A 25 -14.01 4.16 -15.26
C GLY A 25 -13.04 5.19 -14.72
N ARG A 26 -12.03 4.72 -13.99
CA ARG A 26 -11.03 5.61 -13.40
C ARG A 26 -11.75 6.79 -12.74
N LYS A 27 -12.74 6.46 -11.91
CA LYS A 27 -13.54 7.46 -11.22
C LYS A 27 -12.80 8.04 -10.02
N PRO A 28 -12.63 9.38 -10.00
CA PRO A 28 -11.95 10.08 -8.90
C PRO A 28 -12.88 10.29 -7.71
N ILE A 29 -13.44 9.20 -7.21
CA ILE A 29 -14.34 9.27 -6.07
C ILE A 29 -13.54 9.60 -4.82
N HIS A 30 -14.24 9.96 -3.75
CA HIS A 30 -13.60 10.22 -2.47
C HIS A 30 -13.87 8.98 -1.64
N VAL A 31 -13.02 8.71 -0.66
CA VAL A 31 -13.19 7.57 0.22
C VAL A 31 -12.99 8.02 1.64
N VAL A 32 -13.34 7.16 2.58
CA VAL A 32 -13.12 7.46 3.99
C VAL A 32 -11.70 6.92 4.22
N ALA A 33 -10.79 7.82 4.56
CA ALA A 33 -9.41 7.42 4.81
C ALA A 33 -9.01 7.70 6.25
N ALA A 34 -8.23 6.79 6.83
CA ALA A 34 -7.78 6.93 8.20
C ALA A 34 -6.37 7.53 8.25
N ALA A 35 -6.19 8.51 9.14
CA ALA A 35 -4.90 9.16 9.31
C ALA A 35 -4.13 8.41 10.40
N LYS A 36 -2.86 8.78 10.60
CA LYS A 36 -2.02 8.10 11.58
C LYS A 36 -2.62 8.04 12.99
N ASP A 37 -3.28 9.11 13.40
CA ASP A 37 -3.88 9.16 14.73
C ASP A 37 -5.26 8.52 14.83
N GLY A 38 -5.72 7.92 13.74
CA GLY A 38 -7.02 7.27 13.79
C GLY A 38 -8.18 8.15 13.35
N THR A 39 -7.93 9.42 13.08
CA THR A 39 -9.00 10.30 12.66
C THR A 39 -9.32 9.98 11.19
N LEU A 40 -10.56 10.25 10.78
CA LEU A 40 -10.96 9.95 9.42
C LEU A 40 -11.16 11.20 8.57
N HIS A 41 -10.78 11.10 7.31
CA HIS A 41 -10.87 12.22 6.38
C HIS A 41 -11.29 11.78 4.99
N ALA A 42 -11.92 12.71 4.25
CA ALA A 42 -12.32 12.40 2.89
C ALA A 42 -11.10 12.64 2.01
N ARG A 43 -10.70 11.64 1.25
CA ARG A 43 -9.54 11.77 0.38
C ARG A 43 -9.89 11.18 -0.99
N PRO A 44 -9.40 11.81 -2.07
CA PRO A 44 -9.67 11.36 -3.42
C PRO A 44 -8.80 10.21 -3.93
N VAL A 45 -9.39 9.38 -4.78
CA VAL A 45 -8.67 8.27 -5.40
C VAL A 45 -7.88 8.92 -6.53
N VAL A 46 -6.60 8.60 -6.62
CA VAL A 46 -5.73 9.17 -7.64
C VAL A 46 -5.13 8.17 -8.61
N SER A 47 -5.24 6.88 -8.29
CA SER A 47 -4.72 5.81 -9.16
C SER A 47 -5.68 4.63 -9.12
N TRP A 48 -5.74 3.90 -10.23
CA TRP A 48 -6.64 2.76 -10.37
C TRP A 48 -5.88 1.55 -10.91
N PHE A 49 -6.08 0.39 -10.28
CA PHE A 49 -5.38 -0.82 -10.74
C PHE A 49 -6.28 -2.04 -10.92
N ASP A 50 -6.18 -2.65 -12.10
CA ASP A 50 -6.92 -3.87 -12.40
C ASP A 50 -5.85 -4.94 -12.17
N GLN A 51 -5.96 -5.66 -11.07
CA GLN A 51 -4.97 -6.65 -10.69
C GLN A 51 -5.15 -8.08 -11.21
N GLY A 52 -6.15 -8.30 -12.06
CA GLY A 52 -6.36 -9.62 -12.60
C GLY A 52 -7.00 -10.59 -11.62
N THR A 53 -7.15 -11.84 -12.04
CA THR A 53 -7.75 -12.86 -11.19
C THR A 53 -6.76 -13.43 -10.20
N ARG A 54 -7.16 -13.46 -8.93
CA ARG A 54 -6.32 -13.97 -7.86
C ARG A 54 -7.17 -14.72 -6.83
N ASP A 55 -6.51 -15.39 -5.90
CA ASP A 55 -7.22 -16.12 -4.85
C ASP A 55 -7.59 -15.11 -3.78
N VAL A 56 -8.85 -15.13 -3.36
CA VAL A 56 -9.30 -14.22 -2.31
C VAL A 56 -10.05 -14.99 -1.24
N ILE A 57 -9.94 -14.52 0.00
CA ILE A 57 -10.66 -15.14 1.10
C ILE A 57 -11.71 -14.14 1.57
N GLY A 58 -12.65 -14.60 2.37
CA GLY A 58 -13.71 -13.71 2.82
C GLY A 58 -13.85 -13.54 4.32
N LEU A 59 -14.17 -12.31 4.72
CA LEU A 59 -14.34 -12.00 6.13
C LEU A 59 -15.69 -11.33 6.32
N ARG A 60 -16.64 -12.04 6.92
CA ARG A 60 -17.95 -11.44 7.17
C ARG A 60 -17.81 -10.70 8.48
N ILE A 61 -18.07 -9.40 8.44
CA ILE A 61 -17.94 -8.53 9.60
C ILE A 61 -19.26 -8.40 10.34
N ALA A 62 -19.21 -8.13 11.65
CA ALA A 62 -20.43 -7.94 12.42
C ALA A 62 -21.20 -6.85 11.68
N GLY A 63 -22.49 -7.07 11.47
CA GLY A 63 -23.28 -6.08 10.74
C GLY A 63 -23.66 -6.66 9.39
N GLY A 64 -22.86 -7.61 8.90
CA GLY A 64 -23.19 -8.25 7.65
C GLY A 64 -22.34 -8.04 6.42
N ALA A 65 -21.48 -7.04 6.41
CA ALA A 65 -20.64 -6.80 5.23
C ALA A 65 -19.63 -7.93 5.09
N ILE A 66 -19.24 -8.25 3.86
CA ILE A 66 -18.25 -9.30 3.65
C ILE A 66 -17.11 -8.77 2.80
N LEU A 67 -15.93 -8.73 3.39
CA LEU A 67 -14.76 -8.25 2.69
C LEU A 67 -14.05 -9.43 2.01
N TRP A 68 -13.97 -9.38 0.68
CA TRP A 68 -13.29 -10.41 -0.08
C TRP A 68 -11.97 -9.80 -0.54
N ALA A 69 -10.85 -10.33 -0.06
CA ALA A 69 -9.54 -9.79 -0.41
C ALA A 69 -8.51 -10.89 -0.47
N THR A 70 -7.39 -10.60 -1.12
CA THR A 70 -6.30 -11.57 -1.20
C THR A 70 -5.80 -11.75 0.22
N PRO A 71 -5.33 -12.95 0.57
CA PRO A 71 -4.84 -13.17 1.94
C PRO A 71 -3.74 -12.23 2.41
N ASP A 72 -3.02 -11.62 1.46
CA ASP A 72 -1.94 -10.72 1.83
C ASP A 72 -2.37 -9.25 1.91
N HIS A 73 -3.65 -8.98 1.71
CA HIS A 73 -4.11 -7.59 1.79
C HIS A 73 -4.11 -7.17 3.25
N LYS A 74 -3.55 -5.99 3.53
CA LYS A 74 -3.49 -5.49 4.90
C LYS A 74 -4.79 -4.84 5.37
N VAL A 75 -5.20 -5.21 6.58
CA VAL A 75 -6.41 -4.71 7.21
C VAL A 75 -6.02 -4.02 8.51
N LEU A 76 -6.67 -2.89 8.81
CA LEU A 76 -6.35 -2.16 10.02
C LEU A 76 -7.02 -2.77 11.24
N THR A 77 -6.22 -2.98 12.28
CA THR A 77 -6.71 -3.54 13.54
C THR A 77 -6.15 -2.68 14.67
N GLU A 78 -6.62 -2.90 15.89
CA GLU A 78 -6.15 -2.12 17.03
C GLU A 78 -4.68 -2.41 17.32
N TYR A 79 -4.13 -3.41 16.63
CA TYR A 79 -2.73 -3.79 16.82
C TYR A 79 -1.90 -3.43 15.60
N GLY A 80 -2.48 -2.65 14.70
CA GLY A 80 -1.78 -2.24 13.50
C GLY A 80 -2.24 -3.02 12.29
N TRP A 81 -1.43 -3.01 11.23
CA TRP A 81 -1.77 -3.72 10.00
C TRP A 81 -1.55 -5.22 10.11
N ARG A 82 -2.54 -5.98 9.63
CA ARG A 82 -2.48 -7.43 9.64
C ARG A 82 -2.98 -7.96 8.31
N ALA A 83 -2.34 -9.02 7.83
CA ALA A 83 -2.74 -9.64 6.56
C ALA A 83 -4.12 -10.26 6.75
N ALA A 84 -5.01 -10.01 5.80
CA ALA A 84 -6.37 -10.54 5.87
C ALA A 84 -6.38 -12.04 6.15
N GLY A 85 -5.49 -12.77 5.50
CA GLY A 85 -5.42 -14.21 5.66
C GLY A 85 -5.05 -14.71 7.04
N GLU A 86 -4.61 -13.80 7.92
CA GLU A 86 -4.22 -14.18 9.27
C GLU A 86 -5.32 -13.89 10.30
N LEU A 87 -6.36 -13.19 9.86
CA LEU A 87 -7.46 -12.85 10.75
C LEU A 87 -8.39 -14.04 10.98
N ARG A 88 -8.94 -14.12 12.18
CA ARG A 88 -9.83 -15.22 12.54
C ARG A 88 -11.11 -14.70 13.16
N LYS A 89 -12.09 -15.59 13.26
CA LYS A 89 -13.37 -15.24 13.85
C LYS A 89 -13.13 -14.66 15.24
N GLY A 90 -13.77 -13.54 15.54
CA GLY A 90 -13.59 -12.91 16.83
C GLY A 90 -12.61 -11.76 16.84
N ASP A 91 -11.68 -11.74 15.88
CA ASP A 91 -10.71 -10.66 15.82
C ASP A 91 -11.44 -9.38 15.47
N ARG A 92 -10.96 -8.25 15.99
CA ARG A 92 -11.59 -6.97 15.71
C ARG A 92 -10.86 -6.23 14.59
N VAL A 93 -11.64 -5.53 13.77
CA VAL A 93 -11.07 -4.75 12.68
C VAL A 93 -11.66 -3.34 12.76
N ALA A 94 -10.94 -2.37 12.20
CA ALA A 94 -11.40 -0.99 12.23
C ALA A 94 -12.61 -0.80 11.32
N GLN A 95 -13.70 -0.29 11.89
CA GLN A 95 -14.95 -0.04 11.15
C GLN A 95 -15.49 1.32 11.55
N PRO A 96 -15.24 2.34 10.72
CA PRO A 96 -15.72 3.71 11.01
C PRO A 96 -17.24 3.80 11.07
N ARG A 97 -17.75 4.53 12.06
CA ARG A 97 -19.19 4.69 12.22
C ARG A 97 -19.51 6.12 12.65
N ARG A 98 -20.64 6.63 12.16
CA ARG A 98 -21.08 7.97 12.53
C ARG A 98 -21.91 7.85 13.81
N PHE A 99 -21.94 8.92 14.59
CA PHE A 99 -22.69 8.97 15.83
C PHE A 99 -24.14 8.52 15.60
N ASP A 100 -24.63 7.55 16.39
CA ASP A 100 -26.00 7.08 16.22
C ASP A 100 -26.87 7.30 17.45
N GLY A 101 -26.29 7.84 18.51
CA GLY A 101 -27.06 8.10 19.71
C GLY A 101 -27.33 6.94 20.63
N PHE A 102 -26.94 5.73 20.24
CA PHE A 102 -27.15 4.56 21.10
C PHE A 102 -26.05 4.44 22.15
N MET A 127 -12.04 17.31 8.29
CA MET A 127 -12.11 16.02 8.96
C MET A 127 -13.55 15.52 8.97
N LEU A 128 -13.74 14.22 8.80
CA LEU A 128 -15.07 13.61 8.78
C LEU A 128 -15.65 13.39 10.17
N ALA A 129 -16.97 13.30 10.23
CA ALA A 129 -17.67 13.07 11.50
C ALA A 129 -17.50 11.61 11.93
N GLU A 130 -17.31 10.72 10.97
CA GLU A 130 -17.13 9.31 11.29
C GLU A 130 -16.04 9.12 12.35
N GLU A 131 -16.28 8.19 13.27
CA GLU A 131 -15.33 7.90 14.34
C GLU A 131 -14.79 6.50 14.10
N LEU A 132 -13.50 6.31 14.38
CA LEU A 132 -12.91 4.98 14.20
C LEU A 132 -13.39 4.07 15.33
N ARG A 133 -14.14 3.04 14.97
CA ARG A 133 -14.66 2.09 15.94
C ARG A 133 -14.15 0.72 15.51
N TYR A 134 -14.40 -0.29 16.32
CA TYR A 134 -13.95 -1.64 15.99
C TYR A 134 -15.10 -2.62 16.00
N SER A 135 -15.06 -3.56 15.06
CA SER A 135 -16.09 -4.58 14.94
C SER A 135 -15.44 -5.93 14.77
N VAL A 136 -16.09 -6.98 15.28
CA VAL A 136 -15.54 -8.32 15.18
C VAL A 136 -15.86 -9.04 13.90
N ILE A 137 -15.00 -9.98 13.54
CA ILE A 137 -15.19 -10.81 12.36
C ILE A 137 -16.12 -11.93 12.79
N ARG A 138 -17.24 -12.09 12.09
CA ARG A 138 -18.22 -13.11 12.42
C ARG A 138 -17.93 -14.45 11.75
N GLU A 139 -17.27 -14.40 10.60
CA GLU A 139 -16.99 -15.63 9.87
C GLU A 139 -15.89 -15.48 8.82
N VAL A 140 -15.09 -16.54 8.67
CA VAL A 140 -14.01 -16.56 7.69
C VAL A 140 -14.45 -17.52 6.59
N LEU A 141 -14.51 -17.03 5.35
CA LEU A 141 -14.94 -17.83 4.21
C LEU A 141 -13.77 -18.39 3.41
N PRO A 142 -13.94 -19.60 2.84
CA PRO A 142 -12.94 -20.30 2.03
C PRO A 142 -12.48 -19.53 0.80
N THR A 143 -11.23 -19.76 0.42
CA THR A 143 -10.65 -19.10 -0.74
C THR A 143 -11.40 -19.42 -2.04
N ARG A 144 -11.43 -18.45 -2.94
CA ARG A 144 -12.08 -18.61 -4.24
C ARG A 144 -11.37 -17.70 -5.24
N ARG A 145 -11.59 -17.96 -6.52
CA ARG A 145 -10.99 -17.16 -7.58
C ARG A 145 -11.89 -15.99 -7.93
N ALA A 146 -11.29 -14.81 -8.05
CA ALA A 146 -12.07 -13.63 -8.39
C ALA A 146 -11.18 -12.54 -9.00
N ARG A 147 -11.76 -11.71 -9.85
CA ARG A 147 -11.01 -10.61 -10.43
C ARG A 147 -10.76 -9.68 -9.26
N THR A 148 -9.58 -9.09 -9.20
CA THR A 148 -9.24 -8.21 -8.09
C THR A 148 -8.79 -6.84 -8.55
N PHE A 149 -8.85 -5.87 -7.64
CA PHE A 149 -8.50 -4.50 -7.95
C PHE A 149 -7.85 -3.79 -6.77
N ASP A 150 -7.33 -2.59 -7.04
CA ASP A 150 -6.67 -1.81 -6.01
C ASP A 150 -6.86 -0.33 -6.35
N LEU A 151 -6.77 0.53 -5.33
CA LEU A 151 -6.94 1.97 -5.52
C LEU A 151 -5.89 2.73 -4.72
N GLU A 152 -5.45 3.87 -5.23
CA GLU A 152 -4.51 4.71 -4.51
C GLU A 152 -5.29 5.91 -4.03
N VAL A 153 -5.19 6.18 -2.74
CA VAL A 153 -5.88 7.29 -2.08
C VAL A 153 -4.85 8.35 -1.71
N GLU A 154 -5.06 9.55 -2.20
CA GLU A 154 -4.13 10.64 -1.93
C GLU A 154 -3.78 10.83 -0.45
N GLU A 155 -2.49 11.05 -0.21
CA GLU A 155 -1.92 11.31 1.11
C GLU A 155 -1.97 10.23 2.20
N LEU A 156 -3.16 9.79 2.56
CA LEU A 156 -3.30 8.83 3.66
C LEU A 156 -3.09 7.35 3.36
N HIS A 157 -3.18 6.96 2.10
CA HIS A 157 -2.94 5.57 1.72
C HIS A 157 -3.81 4.51 2.38
N THR A 158 -5.03 4.89 2.74
CA THR A 158 -5.96 3.95 3.36
C THR A 158 -7.37 4.26 2.84
N LEU A 159 -8.30 3.35 3.02
CA LEU A 159 -9.67 3.56 2.58
C LEU A 159 -10.60 2.54 3.22
N VAL A 160 -11.88 2.87 3.25
CA VAL A 160 -12.86 1.97 3.81
C VAL A 160 -13.48 1.17 2.67
N ALA A 161 -13.41 -0.15 2.81
CA ALA A 161 -13.96 -1.09 1.83
C ALA A 161 -14.84 -2.03 2.64
N GLU A 162 -16.09 -2.21 2.22
CA GLU A 162 -17.04 -3.05 2.94
C GLU A 162 -17.12 -2.60 4.40
N GLY A 163 -16.97 -1.28 4.60
CA GLY A 163 -17.04 -0.71 5.93
C GLY A 163 -15.83 -0.90 6.83
N VAL A 164 -14.79 -1.56 6.32
CA VAL A 164 -13.57 -1.84 7.09
C VAL A 164 -12.40 -1.01 6.56
N VAL A 165 -11.56 -0.48 7.47
CA VAL A 165 -10.41 0.29 7.00
C VAL A 165 -9.36 -0.69 6.50
N VAL A 166 -9.01 -0.58 5.21
CA VAL A 166 -8.01 -1.45 4.62
C VAL A 166 -6.85 -0.63 4.08
N HIS A 167 -5.72 -1.31 3.86
CA HIS A 167 -4.52 -0.66 3.37
C HIS A 167 -4.59 -0.31 1.89
N LEU B 2 9.25 -6.11 -2.38
CA LEU B 2 10.61 -5.81 -2.81
C LEU B 2 11.50 -7.02 -2.69
N ALA B 3 12.44 -7.16 -3.61
CA ALA B 3 13.35 -8.30 -3.63
C ALA B 3 14.46 -8.23 -2.59
N GLU B 4 14.94 -9.41 -2.21
CA GLU B 4 16.05 -9.54 -1.28
C GLU B 4 17.19 -8.72 -1.91
N GLY B 5 18.01 -8.10 -1.06
CA GLY B 5 19.12 -7.31 -1.58
C GLY B 5 18.81 -5.83 -1.68
N THR B 6 17.53 -5.48 -1.67
CA THR B 6 17.11 -4.09 -1.77
C THR B 6 17.72 -3.29 -0.63
N ARG B 7 18.47 -2.25 -0.97
CA ARG B 7 19.14 -1.42 0.03
C ARG B 7 18.24 -0.31 0.55
N ILE B 8 18.18 -0.18 1.87
CA ILE B 8 17.36 0.84 2.51
C ILE B 8 18.19 1.65 3.50
N PHE B 9 18.25 2.95 3.27
CA PHE B 9 19.02 3.85 4.12
C PHE B 9 18.22 4.34 5.32
N ASP B 10 18.84 4.30 6.49
CA ASP B 10 18.19 4.80 7.71
C ASP B 10 18.90 6.13 7.93
N PRO B 11 18.18 7.25 7.71
CA PRO B 11 18.77 8.59 7.87
C PRO B 11 19.08 9.01 9.30
N VAL B 12 18.52 8.29 10.26
CA VAL B 12 18.75 8.62 11.65
C VAL B 12 20.06 8.01 12.14
N THR B 13 20.50 6.94 11.49
CA THR B 13 21.72 6.25 11.91
C THR B 13 22.85 6.28 10.89
N GLY B 14 22.50 6.49 9.63
CA GLY B 14 23.50 6.50 8.58
C GLY B 14 23.80 5.10 8.06
N THR B 15 23.07 4.10 8.55
CA THR B 15 23.29 2.72 8.13
C THR B 15 22.39 2.32 6.97
N THR B 16 22.94 1.58 6.01
CA THR B 16 22.17 1.08 4.88
C THR B 16 21.93 -0.41 5.15
N HIS B 17 20.67 -0.79 5.12
CA HIS B 17 20.26 -2.17 5.39
C HIS B 17 19.79 -2.90 4.14
N ARG B 18 19.83 -4.23 4.22
CA ARG B 18 19.35 -5.10 3.16
C ARG B 18 17.97 -5.45 3.72
N ILE B 19 16.92 -5.27 2.91
CA ILE B 19 15.57 -5.52 3.40
C ILE B 19 15.35 -6.90 4.06
N GLU B 20 15.94 -7.95 3.53
CA GLU B 20 15.76 -9.27 4.13
C GLU B 20 16.30 -9.32 5.56
N ASP B 21 17.33 -8.55 5.85
CA ASP B 21 17.91 -8.52 7.18
C ASP B 21 17.02 -7.73 8.14
N VAL B 22 16.38 -6.69 7.61
CA VAL B 22 15.48 -5.87 8.42
C VAL B 22 14.27 -6.72 8.84
N VAL B 23 13.73 -7.47 7.91
CA VAL B 23 12.57 -8.31 8.22
C VAL B 23 12.92 -9.51 9.10
N ASP B 24 13.98 -10.23 8.75
CA ASP B 24 14.37 -11.40 9.52
C ASP B 24 14.69 -11.08 10.97
N GLY B 25 15.16 -9.87 11.23
CA GLY B 25 15.48 -9.49 12.59
C GLY B 25 14.48 -8.54 13.20
N ARG B 26 13.41 -8.24 12.45
CA ARG B 26 12.38 -7.32 12.91
C ARG B 26 13.03 -6.07 13.48
N LYS B 27 13.97 -5.50 12.72
CA LYS B 27 14.70 -4.30 13.14
C LYS B 27 13.84 -3.03 13.01
N PRO B 28 13.68 -2.28 14.11
CA PRO B 28 12.89 -1.05 14.14
C PRO B 28 13.63 0.17 13.59
N ILE B 29 14.19 0.02 12.39
CA ILE B 29 14.94 1.10 11.76
C ILE B 29 14.03 2.24 11.32
N HIS B 30 14.65 3.33 10.88
CA HIS B 30 13.91 4.45 10.31
C HIS B 30 14.30 4.43 8.84
N VAL B 31 13.46 4.99 7.99
CA VAL B 31 13.71 5.04 6.56
C VAL B 31 13.48 6.45 6.04
N VAL B 32 13.91 6.70 4.81
CA VAL B 32 13.70 7.99 4.19
C VAL B 32 12.31 7.85 3.53
N ALA B 33 11.32 8.56 4.05
CA ALA B 33 9.97 8.47 3.50
C ALA B 33 9.60 9.76 2.78
N ALA B 34 8.76 9.63 1.77
CA ALA B 34 8.34 10.80 1.00
C ALA B 34 6.93 11.20 1.36
N ALA B 35 6.74 12.49 1.62
CA ALA B 35 5.42 13.02 1.96
C ALA B 35 4.71 13.38 0.66
N LYS B 36 3.42 13.68 0.76
CA LYS B 36 2.61 14.02 -0.40
C LYS B 36 3.20 15.13 -1.26
N ASP B 37 3.86 16.10 -0.63
CA ASP B 37 4.46 17.23 -1.36
C ASP B 37 5.86 16.97 -1.90
N GLY B 38 6.38 15.77 -1.70
CA GLY B 38 7.71 15.47 -2.20
C GLY B 38 8.85 15.71 -1.23
N THR B 39 8.56 16.22 -0.04
CA THR B 39 9.61 16.46 0.95
C THR B 39 9.89 15.11 1.63
N LEU B 40 11.11 14.93 2.11
CA LEU B 40 11.50 13.68 2.75
C LEU B 40 11.53 13.79 4.28
N HIS B 41 11.10 12.72 4.94
CA HIS B 41 11.03 12.66 6.39
C HIS B 41 11.39 11.29 6.93
N ALA B 42 12.09 11.26 8.06
CA ALA B 42 12.49 9.99 8.67
C ALA B 42 11.28 9.40 9.39
N ARG B 43 10.93 8.17 9.02
CA ARG B 43 9.80 7.50 9.65
C ARG B 43 10.19 6.07 10.02
N PRO B 44 9.71 5.59 11.17
CA PRO B 44 10.02 4.25 11.63
C PRO B 44 9.23 3.12 10.97
N VAL B 45 9.88 1.96 10.87
CA VAL B 45 9.24 0.77 10.33
C VAL B 45 8.43 0.23 11.51
N VAL B 46 7.16 -0.06 11.28
CA VAL B 46 6.28 -0.57 12.33
C VAL B 46 5.75 -1.98 12.08
N SER B 47 5.94 -2.49 10.87
CA SER B 47 5.51 -3.83 10.50
C SER B 47 6.54 -4.45 9.57
N TRP B 48 6.74 -5.75 9.70
CA TRP B 48 7.70 -6.49 8.88
C TRP B 48 7.00 -7.66 8.23
N PHE B 49 7.20 -7.84 6.93
CA PHE B 49 6.55 -8.93 6.21
C PHE B 49 7.48 -9.75 5.33
N ASP B 50 7.51 -11.06 5.58
CA ASP B 50 8.30 -11.97 4.75
C ASP B 50 7.23 -12.45 3.78
N GLN B 51 7.28 -11.93 2.55
CA GLN B 51 6.28 -12.26 1.55
C GLN B 51 6.58 -13.50 0.71
N GLY B 52 7.63 -14.24 1.07
CA GLY B 52 7.96 -15.45 0.34
C GLY B 52 8.60 -15.22 -1.01
N THR B 53 8.87 -16.32 -1.71
CA THR B 53 9.49 -16.28 -3.03
C THR B 53 8.46 -15.94 -4.11
N ARG B 54 8.74 -14.90 -4.88
CA ARG B 54 7.83 -14.46 -5.94
C ARG B 54 8.62 -14.01 -7.17
N ASP B 55 7.91 -13.76 -8.27
CA ASP B 55 8.57 -13.28 -9.47
C ASP B 55 8.75 -11.78 -9.35
N VAL B 56 9.92 -11.31 -9.75
CA VAL B 56 10.21 -9.88 -9.69
C VAL B 56 10.81 -9.44 -11.02
N ILE B 57 10.65 -8.16 -11.33
CA ILE B 57 11.20 -7.60 -12.55
C ILE B 57 12.19 -6.52 -12.12
N GLY B 58 13.08 -6.12 -13.03
CA GLY B 58 14.06 -5.11 -12.67
C GLY B 58 13.96 -3.84 -13.48
N LEU B 59 14.11 -2.71 -12.80
CA LEU B 59 14.07 -1.41 -13.45
C LEU B 59 15.44 -0.77 -13.31
N ARG B 60 16.20 -0.76 -14.40
CA ARG B 60 17.53 -0.16 -14.39
C ARG B 60 17.32 1.33 -14.61
N ILE B 61 17.69 2.13 -13.61
CA ILE B 61 17.50 3.57 -13.68
C ILE B 61 18.76 4.31 -14.13
N ALA B 62 18.56 5.41 -14.84
CA ALA B 62 19.68 6.23 -15.30
C ALA B 62 20.40 6.64 -14.03
N GLY B 63 21.69 6.32 -13.94
CA GLY B 63 22.45 6.67 -12.75
C GLY B 63 23.10 5.43 -12.17
N GLY B 64 22.54 4.25 -12.49
CA GLY B 64 23.11 3.01 -12.01
C GLY B 64 22.24 2.09 -11.16
N ALA B 65 21.22 2.64 -10.53
CA ALA B 65 20.34 1.83 -9.68
C ALA B 65 19.46 0.84 -10.43
N ILE B 66 19.29 -0.34 -9.87
CA ILE B 66 18.41 -1.37 -10.45
C ILE B 66 17.42 -1.82 -9.39
N LEU B 67 16.19 -1.37 -9.52
CA LEU B 67 15.15 -1.72 -8.57
C LEU B 67 14.47 -3.04 -8.94
N TRP B 68 14.54 -4.01 -8.04
CA TRP B 68 13.91 -5.30 -8.24
C TRP B 68 12.68 -5.43 -7.36
N ALA B 69 11.51 -5.55 -7.99
CA ALA B 69 10.25 -5.65 -7.25
C ALA B 69 9.24 -6.44 -8.06
N THR B 70 8.18 -6.89 -7.39
CA THR B 70 7.13 -7.62 -8.08
C THR B 70 6.47 -6.66 -9.07
N PRO B 71 5.91 -7.19 -10.17
CA PRO B 71 5.26 -6.35 -11.18
C PRO B 71 4.18 -5.43 -10.60
N ASP B 72 3.51 -5.85 -9.55
CA ASP B 72 2.46 -5.03 -8.98
C ASP B 72 2.94 -4.04 -7.91
N HIS B 73 4.23 -4.03 -7.61
CA HIS B 73 4.72 -3.08 -6.62
C HIS B 73 4.63 -1.68 -7.19
N LYS B 74 4.11 -0.75 -6.39
CA LYS B 74 3.97 0.63 -6.85
C LYS B 74 5.22 1.47 -6.67
N VAL B 75 5.53 2.23 -7.72
CA VAL B 75 6.71 3.09 -7.75
C VAL B 75 6.25 4.51 -8.00
N LEU B 76 6.91 5.49 -7.36
CA LEU B 76 6.52 6.88 -7.59
C LEU B 76 7.14 7.33 -8.92
N THR B 77 6.29 7.81 -9.82
CA THR B 77 6.76 8.25 -11.12
C THR B 77 6.31 9.66 -11.43
N GLU B 78 6.71 10.13 -12.61
CA GLU B 78 6.37 11.46 -13.08
C GLU B 78 4.85 11.60 -13.20
N TYR B 79 4.16 10.47 -13.33
CA TYR B 79 2.71 10.47 -13.46
C TYR B 79 1.99 9.92 -12.24
N GLY B 80 2.67 9.92 -11.10
CA GLY B 80 2.05 9.42 -9.88
C GLY B 80 2.42 7.96 -9.62
N TRP B 81 1.63 7.28 -8.81
CA TRP B 81 1.90 5.88 -8.51
C TRP B 81 1.53 4.98 -9.67
N ARG B 82 2.49 4.14 -10.08
CA ARG B 82 2.29 3.21 -11.18
C ARG B 82 2.90 1.87 -10.79
N ALA B 83 2.36 0.79 -11.33
CA ALA B 83 2.87 -0.54 -11.03
C ALA B 83 4.19 -0.74 -11.80
N ALA B 84 5.19 -1.29 -11.12
CA ALA B 84 6.50 -1.53 -11.72
C ALA B 84 6.37 -2.24 -13.07
N GLY B 85 5.44 -3.17 -13.14
CA GLY B 85 5.24 -3.94 -14.37
C GLY B 85 4.66 -3.13 -15.52
N GLU B 86 4.12 -1.95 -15.21
CA GLU B 86 3.52 -1.08 -16.23
C GLU B 86 4.54 -0.12 -16.84
N LEU B 87 5.68 0.03 -16.16
CA LEU B 87 6.72 0.94 -16.62
C LEU B 87 7.63 0.37 -17.70
N ARG B 88 8.14 1.24 -18.57
CA ARG B 88 9.01 0.80 -19.66
C ARG B 88 10.12 1.82 -19.86
N LYS B 89 11.07 1.49 -20.73
CA LYS B 89 12.18 2.40 -21.01
C LYS B 89 11.62 3.78 -21.36
N GLY B 90 12.22 4.83 -20.79
CA GLY B 90 11.76 6.17 -21.08
C GLY B 90 10.95 6.79 -19.97
N ASP B 91 10.17 5.97 -19.25
CA ASP B 91 9.37 6.50 -18.15
C ASP B 91 10.34 6.95 -17.06
N ARG B 92 9.93 7.93 -16.29
CA ARG B 92 10.79 8.44 -15.23
C ARG B 92 10.26 8.16 -13.84
N VAL B 93 11.15 7.70 -12.96
CA VAL B 93 10.78 7.39 -11.58
C VAL B 93 11.39 8.45 -10.67
N ALA B 94 10.81 8.60 -9.49
CA ALA B 94 11.29 9.57 -8.52
C ALA B 94 12.49 9.03 -7.73
N GLN B 95 13.51 9.86 -7.59
CA GLN B 95 14.71 9.50 -6.84
C GLN B 95 15.10 10.68 -5.97
N PRO B 96 15.62 10.43 -4.77
CA PRO B 96 16.00 11.59 -3.96
C PRO B 96 17.25 12.23 -4.55
N ARG B 97 17.33 13.56 -4.46
CA ARG B 97 18.50 14.26 -4.95
C ARG B 97 19.61 14.00 -3.93
N ARG B 98 20.86 14.10 -4.37
CA ARG B 98 22.01 13.86 -3.50
C ARG B 98 21.88 14.62 -2.18
N PHE B 99 22.09 13.91 -1.08
CA PHE B 99 21.98 14.51 0.25
C PHE B 99 23.05 15.56 0.54
N ASP B 100 24.17 15.53 -0.18
CA ASP B 100 25.21 16.51 0.07
C ASP B 100 24.94 17.80 -0.70
N GLY B 101 23.84 17.83 -1.43
CA GLY B 101 23.47 19.03 -2.18
C GLY B 101 24.18 19.25 -3.51
N PHE B 102 25.16 18.41 -3.83
CA PHE B 102 25.89 18.55 -5.08
C PHE B 102 25.20 17.76 -6.19
N GLU B 130 12.16 20.07 -4.78
CA GLU B 130 13.45 20.42 -4.21
C GLU B 130 14.26 19.22 -3.76
N GLU B 131 13.58 18.19 -3.26
CA GLU B 131 14.27 17.02 -2.75
C GLU B 131 14.25 15.78 -3.63
N LEU B 132 13.40 15.80 -4.65
CA LEU B 132 13.31 14.66 -5.55
C LEU B 132 13.65 15.05 -6.98
N ARG B 133 14.10 14.06 -7.74
CA ARG B 133 14.41 14.28 -9.15
C ARG B 133 13.82 13.09 -9.88
N TYR B 134 13.52 13.25 -11.15
CA TYR B 134 12.97 12.15 -11.92
C TYR B 134 13.99 11.63 -12.89
N SER B 135 14.23 10.32 -12.82
CA SER B 135 15.21 9.68 -13.67
C SER B 135 14.58 8.67 -14.61
N VAL B 136 15.06 8.69 -15.85
CA VAL B 136 14.55 7.81 -16.89
C VAL B 136 14.95 6.36 -16.64
N ILE B 137 14.03 5.45 -16.96
CA ILE B 137 14.28 4.03 -16.82
C ILE B 137 15.12 3.65 -18.04
N ARG B 138 16.33 3.16 -17.78
CA ARG B 138 17.27 2.75 -18.82
C ARG B 138 16.75 1.50 -19.54
N GLU B 139 16.32 0.53 -18.76
CA GLU B 139 15.79 -0.70 -19.33
C GLU B 139 15.01 -1.52 -18.30
N VAL B 140 14.10 -2.34 -18.80
CA VAL B 140 13.30 -3.21 -17.97
C VAL B 140 13.87 -4.61 -18.08
N LEU B 141 14.25 -5.20 -16.95
CA LEU B 141 14.84 -6.53 -16.92
C LEU B 141 13.78 -7.62 -16.79
N PRO B 142 14.01 -8.77 -17.45
CA PRO B 142 13.11 -9.94 -17.45
C PRO B 142 12.79 -10.46 -16.05
N THR B 143 11.66 -11.13 -15.94
CA THR B 143 11.20 -11.70 -14.67
C THR B 143 12.21 -12.69 -14.07
N ARG B 144 12.40 -12.59 -12.77
CA ARG B 144 13.30 -13.49 -12.05
C ARG B 144 12.66 -13.91 -10.73
N ARG B 145 13.01 -15.10 -10.26
CA ARG B 145 12.48 -15.61 -9.01
C ARG B 145 13.36 -15.12 -7.86
N ALA B 146 12.75 -14.60 -6.81
CA ALA B 146 13.53 -14.09 -5.67
C ALA B 146 12.71 -14.03 -4.40
N ARG B 147 13.40 -14.02 -3.26
CA ARG B 147 12.71 -13.89 -1.99
C ARG B 147 12.25 -12.44 -1.94
N THR B 148 11.03 -12.21 -1.49
CA THR B 148 10.50 -10.84 -1.41
C THR B 148 10.04 -10.46 -0.02
N PHE B 149 9.95 -9.16 0.21
CA PHE B 149 9.56 -8.64 1.51
C PHE B 149 8.78 -7.33 1.39
N ASP B 150 8.24 -6.89 2.52
CA ASP B 150 7.51 -5.64 2.58
C ASP B 150 7.65 -5.08 3.98
N LEU B 151 7.55 -3.77 4.09
CA LEU B 151 7.67 -3.11 5.38
C LEU B 151 6.58 -2.05 5.48
N GLU B 152 6.09 -1.81 6.69
CA GLU B 152 5.12 -0.75 6.87
C GLU B 152 5.89 0.39 7.52
N VAL B 153 5.80 1.56 6.90
CA VAL B 153 6.48 2.77 7.34
C VAL B 153 5.42 3.68 7.92
N GLU B 154 5.57 4.01 9.21
CA GLU B 154 4.58 4.84 9.88
C GLU B 154 4.22 6.13 9.18
N GLU B 155 2.90 6.38 9.16
CA GLU B 155 2.29 7.59 8.59
C GLU B 155 2.35 7.84 7.08
N LEU B 156 3.55 7.86 6.51
CA LEU B 156 3.71 8.16 5.09
C LEU B 156 3.58 7.02 4.10
N HIS B 157 3.74 5.78 4.56
CA HIS B 157 3.60 4.62 3.70
C HIS B 157 4.48 4.58 2.46
N THR B 158 5.65 5.21 2.53
CA THR B 158 6.57 5.22 1.40
C THR B 158 7.99 5.11 1.93
N LEU B 159 8.94 4.82 1.06
CA LEU B 159 10.33 4.70 1.48
C LEU B 159 11.24 4.69 0.25
N VAL B 160 12.49 5.06 0.45
CA VAL B 160 13.45 5.04 -0.64
C VAL B 160 14.12 3.68 -0.58
N ALA B 161 14.03 2.95 -1.69
CA ALA B 161 14.62 1.63 -1.79
C ALA B 161 15.46 1.59 -3.07
N GLU B 162 16.70 1.15 -2.96
CA GLU B 162 17.60 1.11 -4.12
C GLU B 162 17.61 2.47 -4.82
N GLY B 163 17.56 3.53 -4.04
CA GLY B 163 17.59 4.88 -4.59
C GLY B 163 16.34 5.35 -5.30
N VAL B 164 15.25 4.61 -5.15
CA VAL B 164 14.00 4.98 -5.81
C VAL B 164 12.88 5.11 -4.79
N VAL B 165 11.99 6.07 -4.97
CA VAL B 165 10.88 6.24 -4.05
C VAL B 165 9.84 5.18 -4.42
N VAL B 166 9.59 4.24 -3.49
CA VAL B 166 8.63 3.19 -3.74
C VAL B 166 7.52 3.18 -2.71
N HIS B 167 6.44 2.51 -3.06
CA HIS B 167 5.26 2.41 -2.21
C HIS B 167 5.49 1.43 -1.07
#